data_4CT1
#
_entry.id   4CT1
#
_cell.length_a   148.600
_cell.length_b   44.610
_cell.length_c   48.000
_cell.angle_alpha   90.00
_cell.angle_beta   101.84
_cell.angle_gamma   90.00
#
_symmetry.space_group_name_H-M   'C 1 2 1'
#
loop_
_entity.id
_entity.type
_entity.pdbx_description
1 polymer '3-PHOSPHOINOSITIDE-DEPENDENT PROTEIN KINASE 1'
2 non-polymer "ADENOSINE-5'-TRIPHOSPHATE"
3 non-polymer '(2Z)-3-(biphenyl-4-yl)-5-(4-chlorophenyl)pent-2-enoic acid'
4 non-polymer 'DIMETHYL SULFOXIDE'
5 non-polymer 'DITHIANE DIOL'
6 water water
#
_entity_poly.entity_id   1
_entity_poly.type   'polypeptide(L)'
_entity_poly.pdbx_seq_one_letter_code
;GAMDGTAAEPRPGAGSLQHAQPPPQPRKKRPEDFKFGKILGEGSFSTVVLARELATSREYAIKIVEKRHVHKENKIPYVQ
REKDVMSRLDHPFFVKLYFCFQDDEKLYLGLSYAKNGELLKYIRKIGSFDETCTRFYTAEIVSALEYLHGKGIIHRDLKP
ENILLNEDMHIQITDFGTAKVLSPESKQARAN(SEP)FVGTAQYVSPELLTEKSACKSSDLWALGCIIYQLVAGLPPFRA
GNEGLIFAKIIKLEYDFPEKFFPKARDLVEKLLVLDATKRLGCEEMEGYGPLKAHPFFESVTWENLHQQTPPKLT
;
_entity_poly.pdbx_strand_id   A
#
# COMPACT_ATOMS: atom_id res chain seq x y z
N LYS A 28 -27.81 9.39 5.28
CA LYS A 28 -27.27 8.10 4.84
C LYS A 28 -27.83 7.75 3.48
N LYS A 29 -26.95 7.31 2.58
CA LYS A 29 -27.39 6.87 1.27
C LYS A 29 -27.89 5.45 1.37
N ARG A 30 -28.65 5.04 0.36
CA ARG A 30 -29.27 3.71 0.30
C ARG A 30 -28.80 3.08 -0.99
N PRO A 31 -28.90 1.74 -1.12
CA PRO A 31 -28.51 1.12 -2.40
C PRO A 31 -29.34 1.61 -3.59
N GLU A 32 -30.62 1.89 -3.41
CA GLU A 32 -31.43 2.39 -4.52
C GLU A 32 -31.06 3.84 -4.91
N ASP A 33 -30.15 4.46 -4.16
CA ASP A 33 -29.63 5.77 -4.55
C ASP A 33 -28.62 5.65 -5.69
N PHE A 34 -28.26 4.42 -6.04
CA PHE A 34 -27.26 4.17 -7.07
C PHE A 34 -27.74 3.28 -8.20
N LYS A 35 -27.05 3.40 -9.33
CA LYS A 35 -27.14 2.43 -10.41
C LYS A 35 -25.82 1.70 -10.48
N PHE A 36 -25.84 0.38 -10.31
CA PHE A 36 -24.61 -0.39 -10.38
CA PHE A 36 -24.63 -0.43 -10.38
C PHE A 36 -24.30 -0.80 -11.81
N GLY A 37 -23.01 -0.74 -12.15
CA GLY A 37 -22.50 -1.15 -13.44
C GLY A 37 -21.63 -2.38 -13.26
N LYS A 38 -20.46 -2.40 -13.88
CA LYS A 38 -19.65 -3.61 -13.91
C LYS A 38 -19.02 -3.89 -12.57
N ILE A 39 -18.69 -5.14 -12.33
CA ILE A 39 -17.92 -5.53 -11.17
C ILE A 39 -16.45 -5.23 -11.44
N LEU A 40 -15.84 -4.53 -10.52
CA LEU A 40 -14.43 -4.13 -10.64
C LEU A 40 -13.46 -5.19 -10.13
N GLY A 41 -13.91 -5.98 -9.17
CA GLY A 41 -13.11 -7.07 -8.66
C GLY A 41 -13.85 -7.76 -7.52
N GLU A 42 -13.32 -8.89 -7.09
CA GLU A 42 -13.93 -9.67 -6.03
C GLU A 42 -12.86 -10.15 -5.04
N GLY A 43 -13.10 -9.89 -3.77
CA GLY A 43 -12.23 -10.38 -2.71
C GLY A 43 -12.80 -11.65 -2.14
N SER A 44 -12.10 -12.22 -1.15
CA SER A 44 -12.54 -13.48 -0.56
C SER A 44 -13.87 -13.31 0.17
N PHE A 45 -14.23 -12.10 0.60
CA PHE A 45 -15.55 -11.87 1.22
C PHE A 45 -16.13 -10.51 0.88
N SER A 46 -15.71 -9.96 -0.26
CA SER A 46 -16.18 -8.68 -0.71
C SER A 46 -16.32 -8.62 -2.22
N THR A 47 -17.18 -7.72 -2.67
CA THR A 47 -17.31 -7.42 -4.10
C THR A 47 -17.19 -5.91 -4.27
N VAL A 48 -16.35 -5.47 -5.20
CA VAL A 48 -16.31 -4.04 -5.55
C VAL A 48 -16.96 -3.81 -6.92
N VAL A 49 -17.90 -2.86 -6.94
CA VAL A 49 -18.75 -2.63 -8.09
CA VAL A 49 -18.75 -2.63 -8.09
C VAL A 49 -18.72 -1.15 -8.43
N LEU A 50 -18.74 -0.85 -9.71
CA LEU A 50 -18.80 0.52 -10.17
C LEU A 50 -20.24 1.01 -10.10
N ALA A 51 -20.44 2.17 -9.49
CA ALA A 51 -21.77 2.67 -9.23
C ALA A 51 -21.87 4.14 -9.64
N ARG A 52 -23.02 4.52 -10.18
CA ARG A 52 -23.35 5.94 -10.43
C ARG A 52 -24.45 6.39 -9.46
N GLU A 53 -24.19 7.49 -8.76
CA GLU A 53 -25.18 8.09 -7.86
C GLU A 53 -26.21 8.90 -8.64
N LEU A 54 -27.47 8.44 -8.64
CA LEU A 54 -28.52 9.05 -9.44
C LEU A 54 -28.66 10.55 -9.22
N ALA A 55 -28.53 11.03 -7.99
CA ALA A 55 -28.80 12.45 -7.69
C ALA A 55 -27.65 13.37 -8.13
N THR A 56 -26.47 12.81 -8.37
CA THR A 56 -25.30 13.61 -8.73
C THR A 56 -24.60 13.20 -10.01
N SER A 57 -24.89 12.00 -10.49
CA SER A 57 -24.17 11.37 -11.60
C SER A 57 -22.69 11.13 -11.31
N ARG A 58 -22.32 11.20 -10.04
CA ARG A 58 -20.97 10.88 -9.67
C ARG A 58 -20.72 9.38 -9.67
N GLU A 59 -19.51 9.02 -10.11
CA GLU A 59 -19.02 7.65 -10.07
C GLU A 59 -18.32 7.26 -8.77
N TYR A 60 -18.69 6.10 -8.22
CA TYR A 60 -18.01 5.56 -7.07
C TYR A 60 -17.66 4.10 -7.28
N ALA A 61 -16.64 3.66 -6.58
CA ALA A 61 -16.38 2.23 -6.48
C ALA A 61 -16.94 1.81 -5.13
N ILE A 62 -17.94 0.96 -5.15
CA ILE A 62 -18.57 0.54 -3.90
C ILE A 62 -18.14 -0.88 -3.53
N LYS A 63 -17.57 -0.99 -2.33
CA LYS A 63 -17.18 -2.28 -1.76
C LYS A 63 -18.31 -2.83 -0.93
N ILE A 64 -18.71 -4.07 -1.20
CA ILE A 64 -19.91 -4.65 -0.63
C ILE A 64 -19.56 -5.97 0.05
N VAL A 65 -19.96 -6.12 1.30
CA VAL A 65 -19.80 -7.42 1.97
C VAL A 65 -21.13 -7.92 2.51
N GLU A 66 -21.27 -9.23 2.49
CA GLU A 66 -22.48 -9.87 2.96
C GLU A 66 -22.35 -10.07 4.46
N LYS A 67 -23.35 -9.61 5.20
CA LYS A 67 -23.32 -9.70 6.65
C LYS A 67 -23.25 -11.15 7.13
N ARG A 68 -23.92 -12.04 6.43
CA ARG A 68 -23.94 -13.45 6.85
C ARG A 68 -22.54 -14.03 6.73
N HIS A 69 -21.82 -13.64 5.69
CA HIS A 69 -20.52 -14.21 5.45
C HIS A 69 -19.53 -13.71 6.49
N VAL A 70 -19.47 -12.40 6.67
CA VAL A 70 -18.56 -11.82 7.66
C VAL A 70 -18.94 -12.25 9.07
N HIS A 71 -20.23 -12.43 9.32
CA HIS A 71 -20.72 -12.94 10.61
C HIS A 71 -20.29 -14.39 10.81
N LYS A 72 -20.39 -15.17 9.75
CA LYS A 72 -19.98 -16.58 9.79
C LYS A 72 -18.44 -16.74 9.83
N GLU A 73 -17.71 -15.98 9.03
CA GLU A 73 -16.27 -16.19 8.91
C GLU A 73 -15.42 -15.32 9.83
N ASN A 74 -16.05 -14.71 10.84
CA ASN A 74 -15.31 -13.92 11.85
C ASN A 74 -14.47 -12.79 11.24
N LYS A 75 -15.06 -12.05 10.31
CA LYS A 75 -14.36 -11.00 9.58
C LYS A 75 -14.76 -9.58 10.01
N ILE A 76 -15.69 -9.48 10.95
CA ILE A 76 -16.21 -8.18 11.38
C ILE A 76 -15.13 -7.20 11.84
N PRO A 77 -14.13 -7.69 12.58
CA PRO A 77 -13.07 -6.77 13.03
C PRO A 77 -12.32 -6.15 11.84
N TYR A 78 -12.20 -6.91 10.75
CA TYR A 78 -11.54 -6.41 9.53
C TYR A 78 -12.39 -5.34 8.83
N VAL A 79 -13.70 -5.58 8.75
CA VAL A 79 -14.66 -4.64 8.17
C VAL A 79 -14.62 -3.31 8.94
N GLN A 80 -14.76 -3.45 10.26
CA GLN A 80 -14.73 -2.29 11.14
CA GLN A 80 -14.72 -2.31 11.17
C GLN A 80 -13.40 -1.56 11.03
N ARG A 81 -12.31 -2.32 11.02
CA ARG A 81 -10.97 -1.72 10.86
C ARG A 81 -10.82 -0.93 9.60
N GLU A 82 -11.24 -1.52 8.48
CA GLU A 82 -11.16 -0.84 7.21
C GLU A 82 -11.92 0.49 7.28
N LYS A 83 -13.13 0.43 7.83
CA LYS A 83 -13.92 1.66 7.92
C LYS A 83 -13.23 2.71 8.78
N ASP A 84 -12.81 2.28 9.96
CA ASP A 84 -12.26 3.18 10.93
C ASP A 84 -10.99 3.85 10.37
N VAL A 85 -10.10 3.04 9.82
CA VAL A 85 -8.82 3.55 9.34
C VAL A 85 -9.04 4.47 8.16
N MET A 86 -9.84 4.05 7.18
CA MET A 86 -10.08 4.91 6.05
C MET A 86 -10.79 6.20 6.45
N SER A 87 -11.63 6.19 7.47
CA SER A 87 -12.26 7.44 7.89
CA SER A 87 -12.27 7.43 7.94
C SER A 87 -11.23 8.47 8.37
N ARG A 88 -10.02 8.04 8.70
CA ARG A 88 -9.02 8.97 9.24
C ARG A 88 -8.14 9.62 8.18
N LEU A 89 -8.24 9.15 6.95
CA LEU A 89 -7.27 9.52 5.94
C LEU A 89 -7.79 10.65 5.08
N ASP A 90 -6.92 11.61 4.80
CA ASP A 90 -7.31 12.77 4.01
C ASP A 90 -6.09 13.23 3.23
N HIS A 91 -5.76 12.54 2.13
CA HIS A 91 -4.49 12.77 1.42
C HIS A 91 -4.63 12.29 -0.03
N PRO A 92 -4.02 13.01 -0.99
CA PRO A 92 -4.21 12.68 -2.41
C PRO A 92 -3.73 11.30 -2.86
N PHE A 93 -2.92 10.62 -2.07
CA PHE A 93 -2.36 9.33 -2.49
C PHE A 93 -3.01 8.14 -1.83
N PHE A 94 -4.22 8.33 -1.29
CA PHE A 94 -5.04 7.27 -0.76
C PHE A 94 -6.44 7.27 -1.37
N VAL A 95 -6.97 6.07 -1.51
CA VAL A 95 -8.38 5.89 -1.88
C VAL A 95 -9.19 6.59 -0.78
N LYS A 96 -10.10 7.46 -1.20
CA LYS A 96 -10.92 8.21 -0.27
C LYS A 96 -12.19 7.45 0.07
N LEU A 97 -12.55 7.42 1.35
CA LEU A 97 -13.86 6.88 1.77
C LEU A 97 -14.86 8.03 1.87
N TYR A 98 -15.84 8.02 1.00
CA TYR A 98 -16.87 9.07 0.95
C TYR A 98 -18.09 8.83 1.85
N PHE A 99 -18.50 7.57 1.98
CA PHE A 99 -19.74 7.25 2.70
C PHE A 99 -19.82 5.76 2.98
N CYS A 100 -20.70 5.37 3.91
CA CYS A 100 -20.93 3.98 4.28
CA CYS A 100 -20.96 3.97 4.14
C CYS A 100 -22.42 3.78 4.51
N PHE A 101 -22.90 2.57 4.26
CA PHE A 101 -24.28 2.26 4.70
C PHE A 101 -24.51 0.78 4.77
N GLN A 102 -25.73 0.40 5.13
CA GLN A 102 -26.04 -1.00 5.27
C GLN A 102 -27.51 -1.24 4.97
N ASP A 103 -27.81 -2.46 4.61
CA ASP A 103 -29.21 -2.91 4.60
C ASP A 103 -29.23 -4.23 5.34
N ASP A 104 -30.25 -5.03 5.10
CA ASP A 104 -30.49 -6.20 5.93
C ASP A 104 -29.48 -7.32 5.63
N GLU A 105 -28.87 -7.29 4.46
CA GLU A 105 -27.97 -8.35 4.04
C GLU A 105 -26.51 -7.90 3.89
N LYS A 106 -26.28 -6.63 3.62
CA LYS A 106 -24.97 -6.15 3.17
C LYS A 106 -24.48 -4.89 3.86
N LEU A 107 -23.15 -4.74 3.82
CA LEU A 107 -22.46 -3.52 4.22
C LEU A 107 -21.78 -2.93 3.00
N TYR A 108 -21.95 -1.61 2.82
CA TYR A 108 -21.44 -0.87 1.65
C TYR A 108 -20.44 0.21 2.05
N LEU A 109 -19.33 0.24 1.33
CA LEU A 109 -18.27 1.23 1.51
C LEU A 109 -18.12 2.00 0.23
N GLY A 110 -18.51 3.28 0.23
CA GLY A 110 -18.39 4.15 -0.95
C GLY A 110 -17.00 4.80 -1.12
N LEU A 111 -16.27 4.34 -2.13
CA LEU A 111 -14.87 4.73 -2.34
C LEU A 111 -14.59 5.48 -3.67
N SER A 112 -13.49 6.26 -3.73
CA SER A 112 -13.12 6.85 -5.02
C SER A 112 -12.76 5.73 -5.94
N TYR A 113 -13.15 5.87 -7.21
CA TYR A 113 -12.88 4.89 -8.22
C TYR A 113 -11.48 5.09 -8.77
N ALA A 114 -10.63 4.09 -8.68
CA ALA A 114 -9.29 4.18 -9.27
C ALA A 114 -9.34 3.57 -10.67
N LYS A 115 -9.56 4.43 -11.66
CA LYS A 115 -9.89 3.94 -13.02
C LYS A 115 -8.78 3.09 -13.61
N ASN A 116 -7.53 3.32 -13.23
CA ASN A 116 -6.45 2.61 -13.88
C ASN A 116 -5.93 1.39 -13.13
N GLY A 117 -6.62 1.00 -12.05
CA GLY A 117 -6.36 -0.30 -11.41
C GLY A 117 -5.05 -0.41 -10.66
N GLU A 118 -4.53 -1.64 -10.58
CA GLU A 118 -3.37 -1.97 -9.78
C GLU A 118 -2.06 -1.66 -10.46
N LEU A 119 -1.09 -1.18 -9.68
CA LEU A 119 0.28 -0.97 -10.12
C LEU A 119 0.91 -2.28 -10.62
N LEU A 120 0.53 -3.38 -10.00
CA LEU A 120 1.12 -4.66 -10.37
C LEU A 120 0.89 -4.96 -11.86
N LYS A 121 -0.27 -4.56 -12.35
CA LYS A 121 -0.65 -4.79 -13.76
C LYS A 121 0.38 -4.17 -14.72
N TYR A 122 0.82 -2.95 -14.38
CA TYR A 122 1.79 -2.23 -15.20
C TYR A 122 3.17 -2.85 -15.04
N ILE A 123 3.50 -3.23 -13.82
CA ILE A 123 4.77 -3.93 -13.67
C ILE A 123 4.81 -5.16 -14.59
N ARG A 124 3.73 -5.94 -14.58
CA ARG A 124 3.72 -7.20 -15.32
C ARG A 124 3.72 -6.93 -16.83
N LYS A 125 2.95 -5.91 -17.22
CA LYS A 125 2.85 -5.53 -18.64
C LYS A 125 4.18 -5.09 -19.20
N ILE A 126 4.85 -4.13 -18.58
CA ILE A 126 6.08 -3.53 -19.11
CA ILE A 126 6.07 -3.62 -19.22
C ILE A 126 7.35 -4.26 -18.68
N GLY A 127 7.24 -5.01 -17.57
CA GLY A 127 8.30 -5.88 -17.10
C GLY A 127 9.17 -5.21 -16.04
N SER A 128 9.41 -3.94 -16.26
CA SER A 128 10.05 -3.10 -15.26
C SER A 128 9.93 -1.64 -15.67
N PHE A 129 10.18 -0.76 -14.71
CA PHE A 129 10.07 0.68 -14.94
C PHE A 129 11.45 1.29 -15.24
N ASP A 130 11.48 2.30 -16.10
CA ASP A 130 12.74 3.00 -16.34
C ASP A 130 13.07 3.84 -15.08
N GLU A 131 14.19 4.54 -15.06
CA GLU A 131 14.60 5.22 -13.84
C GLU A 131 13.67 6.38 -13.48
N THR A 132 13.27 7.15 -14.47
CA THR A 132 12.39 8.27 -14.22
C THR A 132 11.04 7.80 -13.60
N CYS A 133 10.45 6.75 -14.19
CA CYS A 133 9.20 6.22 -13.62
C CYS A 133 9.37 5.59 -12.22
N THR A 134 10.42 4.80 -12.03
CA THR A 134 10.72 4.23 -10.74
C THR A 134 10.83 5.33 -9.68
N ARG A 135 11.60 6.38 -10.01
CA ARG A 135 11.80 7.51 -9.08
C ARG A 135 10.44 8.14 -8.75
N PHE A 136 9.64 8.45 -9.77
CA PHE A 136 8.40 9.19 -9.57
C PHE A 136 7.38 8.40 -8.68
N TYR A 137 7.18 7.11 -9.03
CA TYR A 137 6.22 6.31 -8.24
C TYR A 137 6.79 5.98 -6.84
N THR A 138 8.10 5.78 -6.74
CA THR A 138 8.69 5.59 -5.39
C THR A 138 8.45 6.83 -4.52
N ALA A 139 8.69 8.02 -5.11
CA ALA A 139 8.45 9.30 -4.43
C ALA A 139 7.01 9.45 -3.94
N GLU A 140 6.06 9.11 -4.80
CA GLU A 140 4.67 9.13 -4.32
C GLU A 140 4.44 8.17 -3.16
N ILE A 141 5.00 6.96 -3.25
CA ILE A 141 4.78 6.03 -2.11
C ILE A 141 5.44 6.51 -0.82
N VAL A 142 6.66 7.07 -0.93
CA VAL A 142 7.28 7.69 0.25
C VAL A 142 6.43 8.82 0.84
N SER A 143 5.94 9.69 -0.03
CA SER A 143 5.07 10.79 0.38
CA SER A 143 5.10 10.79 0.44
C SER A 143 3.84 10.26 1.15
N ALA A 144 3.22 9.23 0.57
CA ALA A 144 2.07 8.61 1.22
C ALA A 144 2.44 8.03 2.60
N LEU A 145 3.53 7.27 2.67
CA LEU A 145 3.92 6.67 3.95
C LEU A 145 4.32 7.71 4.99
N GLU A 146 4.90 8.83 4.55
CA GLU A 146 5.21 9.93 5.46
C GLU A 146 3.89 10.42 6.07
N TYR A 147 2.89 10.60 5.22
CA TYR A 147 1.56 10.98 5.73
C TYR A 147 0.99 9.96 6.69
N LEU A 148 0.97 8.69 6.26
CA LEU A 148 0.35 7.62 7.07
C LEU A 148 1.02 7.45 8.42
N HIS A 149 2.35 7.39 8.40
CA HIS A 149 3.10 7.25 9.65
C HIS A 149 3.01 8.49 10.54
N GLY A 150 2.94 9.66 9.93
CA GLY A 150 2.65 10.87 10.71
C GLY A 150 1.37 10.82 11.53
N LYS A 151 0.40 10.05 11.06
CA LYS A 151 -0.87 9.87 11.76
C LYS A 151 -0.81 8.65 12.69
N GLY A 152 0.36 8.04 12.81
CA GLY A 152 0.51 6.91 13.70
C GLY A 152 -0.20 5.66 13.22
N ILE A 153 -0.17 5.44 11.90
CA ILE A 153 -0.83 4.29 11.31
C ILE A 153 0.17 3.44 10.55
N ILE A 154 0.15 2.15 10.81
CA ILE A 154 0.94 1.20 10.03
C ILE A 154 0.07 0.52 8.95
N HIS A 155 0.53 0.43 7.72
CA HIS A 155 -0.29 -0.26 6.72
C HIS A 155 -0.28 -1.79 6.90
N ARG A 156 0.91 -2.35 6.91
CA ARG A 156 1.18 -3.80 7.18
C ARG A 156 0.95 -4.74 6.01
N ASP A 157 0.36 -4.23 4.92
CA ASP A 157 0.24 -5.03 3.71
C ASP A 157 0.49 -4.21 2.44
N LEU A 158 1.53 -3.43 2.46
CA LEU A 158 1.86 -2.60 1.33
C LEU A 158 2.46 -3.48 0.28
N LYS A 159 1.95 -3.38 -0.95
CA LYS A 159 2.40 -4.18 -2.07
C LYS A 159 1.77 -3.63 -3.37
N PRO A 160 2.38 -3.93 -4.54
CA PRO A 160 1.86 -3.31 -5.77
C PRO A 160 0.35 -3.54 -6.03
N GLU A 161 -0.14 -4.70 -5.60
CA GLU A 161 -1.55 -5.05 -5.70
CA GLU A 161 -1.55 -5.06 -5.71
C GLU A 161 -2.45 -4.08 -4.96
N ASN A 162 -1.93 -3.47 -3.90
CA ASN A 162 -2.68 -2.55 -3.05
C ASN A 162 -2.43 -1.08 -3.30
N ILE A 163 -1.66 -0.81 -4.36
CA ILE A 163 -1.42 0.53 -4.84
C ILE A 163 -2.16 0.72 -6.17
N LEU A 164 -3.32 1.40 -6.15
CA LEU A 164 -4.12 1.56 -7.37
C LEU A 164 -3.70 2.86 -7.99
N LEU A 165 -4.19 3.10 -9.21
CA LEU A 165 -3.88 4.29 -9.97
C LEU A 165 -5.13 4.97 -10.45
N ASN A 166 -5.25 6.27 -10.21
CA ASN A 166 -6.43 6.97 -10.68
C ASN A 166 -6.32 7.32 -12.17
N GLU A 167 -7.32 8.04 -12.66
CA GLU A 167 -7.38 8.37 -14.08
C GLU A 167 -6.12 9.15 -14.51
N ASP A 168 -5.51 9.89 -13.58
CA ASP A 168 -4.35 10.71 -13.87
C ASP A 168 -3.03 9.97 -13.69
N MET A 169 -3.12 8.70 -13.30
CA MET A 169 -1.96 7.82 -13.05
C MET A 169 -1.15 8.26 -11.84
N HIS A 170 -1.83 8.91 -10.91
CA HIS A 170 -1.29 9.07 -9.57
C HIS A 170 -1.74 7.91 -8.74
N ILE A 171 -0.97 7.63 -7.68
CA ILE A 171 -1.25 6.46 -6.82
C ILE A 171 -2.39 6.72 -5.83
N GLN A 172 -3.00 5.61 -5.49
CA GLN A 172 -4.18 5.57 -4.64
C GLN A 172 -4.02 4.29 -3.81
N ILE A 173 -3.39 4.41 -2.64
CA ILE A 173 -3.14 3.24 -1.84
C ILE A 173 -4.44 2.81 -1.17
N THR A 174 -4.61 1.50 -1.03
CA THR A 174 -5.85 0.94 -0.49
C THR A 174 -5.60 -0.26 0.43
N ASP A 175 -6.69 -0.93 0.84
CA ASP A 175 -6.64 -2.18 1.62
C ASP A 175 -6.21 -1.91 3.05
N PHE A 176 -7.10 -1.29 3.84
CA PHE A 176 -6.76 -0.88 5.22
C PHE A 176 -7.41 -1.73 6.29
N GLY A 177 -8.06 -2.82 5.89
CA GLY A 177 -8.65 -3.73 6.87
C GLY A 177 -7.63 -4.40 7.78
N THR A 178 -6.36 -4.42 7.37
CA THR A 178 -5.30 -5.03 8.17
C THR A 178 -4.27 -3.98 8.62
N ALA A 179 -4.65 -2.71 8.52
CA ALA A 179 -3.86 -1.61 9.07
C ALA A 179 -4.04 -1.51 10.56
N LYS A 180 -3.15 -0.79 11.21
CA LYS A 180 -3.22 -0.60 12.67
C LYS A 180 -3.10 0.87 13.04
N VAL A 181 -4.09 1.39 13.74
CA VAL A 181 -3.93 2.69 14.38
C VAL A 181 -3.19 2.48 15.66
N LEU A 182 -1.95 2.97 15.73
CA LEU A 182 -1.18 2.90 17.00
C LEU A 182 -1.72 3.88 18.01
N SER A 183 -1.84 3.47 19.28
CA SER A 183 -2.43 4.32 20.30
C SER A 183 -1.52 5.48 20.70
N PRO A 184 -1.98 6.72 20.53
CA PRO A 184 -1.08 7.77 21.03
C PRO A 184 -1.04 7.84 22.54
N GLU A 185 -2.08 7.38 23.22
CA GLU A 185 -2.12 7.52 24.67
C GLU A 185 -0.98 6.74 25.36
N SER A 186 -0.62 5.62 24.75
CA SER A 186 0.39 4.74 25.32
C SER A 186 1.73 4.83 24.61
N LYS A 187 1.79 5.69 23.60
CA LYS A 187 2.98 5.85 22.74
C LYS A 187 3.33 4.49 22.10
N GLN A 188 2.27 3.80 21.71
CA GLN A 188 2.41 2.47 21.14
C GLN A 188 3.25 2.55 19.88
N ALA A 189 4.15 1.57 19.75
CA ALA A 189 5.10 1.51 18.67
C ALA A 189 5.00 0.17 17.93
N ARG A 190 4.64 -0.89 18.68
CA ARG A 190 4.54 -2.23 18.11
C ARG A 190 3.08 -2.74 18.04
N ALA A 191 2.76 -3.41 16.94
CA ALA A 191 1.44 -4.00 16.70
C ALA A 191 1.53 -5.54 16.68
N ASN A 192 0.59 -6.22 17.33
CA ASN A 192 0.72 -7.65 17.55
C ASN A 192 -0.03 -8.58 16.60
N PHE A 194 -1.07 -10.70 13.46
CA PHE A 194 -0.24 -11.30 12.44
C PHE A 194 -0.91 -11.19 11.08
N VAL A 195 -0.44 -10.25 10.28
CA VAL A 195 -1.05 -9.92 9.00
C VAL A 195 0.04 -9.57 8.00
N GLY A 196 -0.32 -9.64 6.73
CA GLY A 196 0.62 -9.29 5.68
C GLY A 196 0.56 -10.26 4.52
N THR A 197 1.52 -10.08 3.61
CA THR A 197 1.71 -10.91 2.44
C THR A 197 3.16 -11.42 2.42
N ALA A 198 3.34 -12.72 2.26
CA ALA A 198 4.66 -13.34 2.42
C ALA A 198 5.81 -12.61 1.69
N GLN A 199 5.62 -12.24 0.43
CA GLN A 199 6.73 -11.58 -0.27
C GLN A 199 7.19 -10.25 0.35
N TYR A 200 6.32 -9.58 1.10
CA TYR A 200 6.60 -8.21 1.57
C TYR A 200 6.65 -8.09 3.09
N VAL A 201 6.53 -9.22 3.78
CA VAL A 201 6.40 -9.19 5.24
C VAL A 201 7.78 -8.95 5.87
N SER A 202 7.79 -8.27 7.01
CA SER A 202 9.04 -7.84 7.60
C SER A 202 9.62 -8.95 8.44
N PRO A 203 10.95 -8.98 8.53
CA PRO A 203 11.61 -9.98 9.36
C PRO A 203 11.17 -9.89 10.85
N GLU A 204 10.81 -8.68 11.30
CA GLU A 204 10.45 -8.53 12.71
C GLU A 204 9.10 -9.16 13.02
N LEU A 205 8.14 -9.09 12.10
CA LEU A 205 6.89 -9.78 12.36
C LEU A 205 7.11 -11.29 12.40
N LEU A 206 7.95 -11.80 11.50
CA LEU A 206 8.27 -13.23 11.53
C LEU A 206 9.02 -13.71 12.79
N THR A 207 10.02 -12.96 13.24
CA THR A 207 10.83 -13.42 14.36
C THR A 207 10.38 -12.90 15.73
N GLU A 208 9.88 -11.67 15.78
CA GLU A 208 9.50 -11.02 17.06
C GLU A 208 7.99 -11.01 17.28
N LYS A 209 7.26 -11.32 16.21
CA LYS A 209 5.83 -11.48 16.21
C LYS A 209 5.13 -10.15 16.40
N SER A 210 5.80 -9.07 16.04
CA SER A 210 5.13 -7.78 15.99
C SER A 210 5.68 -6.93 14.85
N ALA A 211 4.89 -5.97 14.42
CA ALA A 211 5.24 -5.06 13.33
C ALA A 211 5.31 -3.64 13.87
N CYS A 212 5.99 -2.78 13.13
CA CYS A 212 6.09 -1.37 13.53
C CYS A 212 5.98 -0.51 12.26
N LYS A 213 5.98 0.81 12.40
CA LYS A 213 5.93 1.64 11.18
C LYS A 213 7.02 1.29 10.15
N SER A 214 8.22 1.08 10.66
CA SER A 214 9.34 0.70 9.84
C SER A 214 9.07 -0.62 9.04
N SER A 215 8.09 -1.43 9.45
CA SER A 215 7.80 -2.65 8.69
C SER A 215 7.29 -2.27 7.30
N ASP A 216 6.69 -1.08 7.18
CA ASP A 216 6.22 -0.61 5.88
C ASP A 216 7.42 -0.16 5.03
N LEU A 217 8.53 0.18 5.66
CA LEU A 217 9.65 0.68 4.88
C LEU A 217 10.37 -0.51 4.29
N TRP A 218 10.33 -1.62 5.01
CA TRP A 218 10.82 -2.87 4.45
C TRP A 218 10.00 -3.23 3.21
N ALA A 219 8.68 -3.14 3.31
CA ALA A 219 7.85 -3.40 2.12
C ALA A 219 8.22 -2.44 0.95
N LEU A 220 8.49 -1.18 1.30
CA LEU A 220 8.86 -0.17 0.33
C LEU A 220 10.12 -0.61 -0.47
N GLY A 221 11.15 -1.07 0.26
CA GLY A 221 12.36 -1.63 -0.34
C GLY A 221 12.06 -2.78 -1.30
N CYS A 222 11.20 -3.71 -0.87
CA CYS A 222 10.73 -4.78 -1.74
C CYS A 222 10.09 -4.27 -3.03
N ILE A 223 9.27 -3.22 -2.93
CA ILE A 223 8.54 -2.66 -4.07
C ILE A 223 9.48 -1.93 -5.02
N ILE A 224 10.39 -1.15 -4.47
CA ILE A 224 11.37 -0.45 -5.33
C ILE A 224 12.14 -1.50 -6.12
N TYR A 225 12.58 -2.53 -5.43
CA TYR A 225 13.31 -3.63 -6.06
C TYR A 225 12.50 -4.17 -7.20
N GLN A 226 11.23 -4.40 -6.90
CA GLN A 226 10.36 -5.01 -7.88
C GLN A 226 10.12 -4.14 -9.11
N LEU A 227 9.99 -2.84 -8.91
CA LEU A 227 9.82 -1.92 -10.02
C LEU A 227 10.96 -2.00 -11.05
N VAL A 228 12.18 -2.11 -10.57
CA VAL A 228 13.37 -2.12 -11.41
C VAL A 228 13.72 -3.51 -11.92
N ALA A 229 13.59 -4.49 -11.06
CA ALA A 229 14.01 -5.85 -11.39
C ALA A 229 12.90 -6.68 -12.03
N GLY A 230 11.64 -6.27 -11.85
CA GLY A 230 10.49 -6.99 -12.42
C GLY A 230 9.90 -8.06 -11.52
N LEU A 231 10.60 -8.37 -10.43
CA LEU A 231 10.10 -9.34 -9.46
C LEU A 231 10.49 -8.82 -8.11
N PRO A 232 9.76 -9.22 -7.06
CA PRO A 232 10.20 -8.86 -5.72
C PRO A 232 11.39 -9.72 -5.29
N PRO A 233 12.15 -9.26 -4.26
CA PRO A 233 13.50 -9.80 -4.03
C PRO A 233 13.54 -11.17 -3.39
N PHE A 234 12.55 -11.46 -2.54
CA PHE A 234 12.44 -12.74 -1.85
C PHE A 234 11.26 -13.47 -2.46
N ARG A 235 11.53 -14.58 -3.12
CA ARG A 235 10.49 -15.23 -3.89
C ARG A 235 10.75 -16.72 -3.89
N ALA A 236 9.67 -17.48 -3.86
CA ALA A 236 9.75 -18.92 -3.90
C ALA A 236 8.33 -19.42 -4.06
N GLY A 237 8.20 -20.70 -4.37
CA GLY A 237 6.91 -21.28 -4.69
C GLY A 237 6.08 -21.64 -3.47
N ASN A 238 6.57 -21.32 -2.28
N ASN A 238 6.57 -21.26 -2.29
CA ASN A 238 5.74 -21.39 -1.11
CA ASN A 238 6.01 -21.64 -0.98
C ASN A 238 6.26 -20.47 -0.04
C ASN A 238 6.35 -20.55 0.05
N GLU A 239 5.38 -20.15 0.89
CA GLU A 239 5.63 -19.07 1.87
C GLU A 239 6.79 -19.37 2.80
N GLY A 240 6.94 -20.62 3.23
CA GLY A 240 7.96 -20.97 4.19
C GLY A 240 9.37 -20.66 3.71
N LEU A 241 9.58 -20.97 2.42
CA LEU A 241 10.87 -20.76 1.78
C LEU A 241 11.20 -19.27 1.72
N ILE A 242 10.18 -18.49 1.41
CA ILE A 242 10.28 -17.04 1.39
C ILE A 242 10.63 -16.53 2.79
N PHE A 243 9.90 -16.98 3.82
CA PHE A 243 10.25 -16.63 5.20
C PHE A 243 11.72 -16.88 5.52
N ALA A 244 12.18 -18.10 5.20
CA ALA A 244 13.57 -18.43 5.42
C ALA A 244 14.53 -17.45 4.72
N LYS A 245 14.28 -17.11 3.45
CA LYS A 245 15.09 -16.10 2.77
CA LYS A 245 15.10 -16.10 2.77
C LYS A 245 15.03 -14.70 3.42
N ILE A 246 13.85 -14.28 3.83
CA ILE A 246 13.69 -12.98 4.48
C ILE A 246 14.56 -12.87 5.73
N ILE A 247 14.45 -13.86 6.63
CA ILE A 247 15.15 -13.85 7.91
CA ILE A 247 15.15 -13.69 7.90
C ILE A 247 16.66 -13.78 7.76
N LYS A 248 17.13 -14.32 6.64
CA LYS A 248 18.55 -14.38 6.31
C LYS A 248 19.05 -13.24 5.39
N LEU A 249 18.16 -12.31 5.07
CA LEU A 249 18.45 -11.29 4.06
C LEU A 249 19.03 -11.92 2.78
N GLU A 250 18.39 -12.98 2.29
CA GLU A 250 18.95 -13.72 1.17
C GLU A 250 18.32 -13.28 -0.13
N TYR A 251 19.03 -12.40 -0.83
CA TYR A 251 18.58 -11.85 -2.09
C TYR A 251 19.76 -11.22 -2.83
N ASP A 252 19.56 -11.01 -4.13
CA ASP A 252 20.58 -10.52 -5.07
CA ASP A 252 20.59 -10.45 -4.99
C ASP A 252 20.00 -9.43 -5.97
N PHE A 253 20.87 -8.55 -6.47
CA PHE A 253 20.46 -7.56 -7.45
C PHE A 253 20.81 -8.04 -8.85
N PRO A 254 19.91 -7.83 -9.81
CA PRO A 254 20.33 -8.10 -11.20
C PRO A 254 21.44 -7.16 -11.67
C PRO A 254 21.43 -7.17 -11.69
N GLU A 255 22.40 -7.69 -12.45
N GLU A 255 21.83 -7.35 -12.94
CA GLU A 255 23.58 -6.96 -12.96
CA GLU A 255 22.73 -6.42 -13.58
C GLU A 255 23.35 -5.48 -13.27
C GLU A 255 21.93 -5.19 -14.01
N LYS A 256 22.29 -5.20 -14.01
N LYS A 256 22.64 -4.08 -14.14
CA LYS A 256 21.90 -3.83 -14.35
CA LYS A 256 22.07 -2.83 -14.64
C LYS A 256 20.72 -3.36 -13.48
C LYS A 256 21.01 -2.24 -13.71
N PHE A 257 20.95 -2.70 -12.46
CA PHE A 257 20.07 -2.08 -11.49
C PHE A 257 20.56 -0.66 -11.17
N PHE A 258 19.74 0.37 -11.40
CA PHE A 258 20.17 1.75 -11.24
C PHE A 258 20.95 1.91 -9.93
N PRO A 259 22.21 2.34 -10.00
CA PRO A 259 23.00 2.25 -8.75
C PRO A 259 22.47 3.01 -7.52
N LYS A 260 21.87 4.19 -7.70
CA LYS A 260 21.43 4.96 -6.55
C LYS A 260 20.16 4.31 -5.98
N ALA A 261 19.40 3.67 -6.85
CA ALA A 261 18.25 2.88 -6.41
C ALA A 261 18.68 1.64 -5.68
N ARG A 262 19.76 1.01 -6.13
CA ARG A 262 20.28 -0.14 -5.37
C ARG A 262 20.73 0.31 -3.98
N ASP A 263 21.44 1.42 -3.92
CA ASP A 263 21.85 1.93 -2.61
C ASP A 263 20.64 2.19 -1.66
N LEU A 264 19.61 2.84 -2.20
CA LEU A 264 18.34 3.04 -1.46
C LEU A 264 17.73 1.70 -0.97
N VAL A 265 17.65 0.73 -1.87
CA VAL A 265 17.11 -0.57 -1.47
C VAL A 265 17.93 -1.18 -0.36
N GLU A 266 19.26 -1.08 -0.45
CA GLU A 266 20.11 -1.64 0.59
C GLU A 266 19.98 -0.90 1.91
N LYS A 267 19.56 0.37 1.86
CA LYS A 267 19.22 1.09 3.12
C LYS A 267 17.82 0.85 3.70
N LEU A 268 16.96 0.14 2.97
CA LEU A 268 15.61 -0.17 3.46
C LEU A 268 15.46 -1.64 3.85
N LEU A 269 16.05 -2.51 3.06
CA LEU A 269 16.07 -3.93 3.38
C LEU A 269 17.18 -4.24 4.35
N VAL A 270 16.92 -3.82 5.59
CA VAL A 270 17.85 -3.99 6.70
C VAL A 270 17.08 -4.75 7.78
N LEU A 271 17.67 -5.84 8.28
CA LEU A 271 16.97 -6.68 9.24
C LEU A 271 16.59 -5.93 10.52
N ASP A 272 17.49 -5.12 11.05
CA ASP A 272 17.19 -4.29 12.18
C ASP A 272 16.26 -3.13 11.80
N ALA A 273 15.02 -3.22 12.24
CA ALA A 273 13.97 -2.24 11.90
C ALA A 273 14.24 -0.83 12.38
N THR A 274 15.11 -0.67 13.37
CA THR A 274 15.55 0.65 13.83
C THR A 274 16.67 1.28 12.99
N LYS A 275 17.09 0.62 11.92
CA LYS A 275 18.19 1.09 11.08
CA LYS A 275 18.17 1.14 11.10
C LYS A 275 17.77 1.31 9.62
N ARG A 276 16.47 1.30 9.34
CA ARG A 276 15.99 1.52 7.99
C ARG A 276 15.87 3.02 7.73
N LEU A 277 16.32 3.45 6.56
CA LEU A 277 16.21 4.87 6.23
C LEU A 277 14.73 5.27 6.17
N GLY A 278 14.38 6.35 6.87
CA GLY A 278 13.00 6.74 7.04
C GLY A 278 12.34 6.40 8.36
N CYS A 279 12.89 5.46 9.14
CA CYS A 279 12.30 5.09 10.44
C CYS A 279 12.57 6.12 11.55
N GLU A 280 11.75 6.10 12.59
CA GLU A 280 11.80 7.13 13.63
CA GLU A 280 11.80 7.14 13.61
C GLU A 280 13.16 7.15 14.30
N GLU A 281 13.77 5.99 14.48
CA GLU A 281 15.07 5.93 15.13
C GLU A 281 16.18 6.53 14.26
N MET A 282 15.97 6.61 12.95
CA MET A 282 16.91 7.25 12.03
CA MET A 282 16.93 7.28 12.08
C MET A 282 16.46 8.67 11.73
N GLU A 283 15.59 9.21 12.57
CA GLU A 283 15.08 10.59 12.47
C GLU A 283 14.13 10.86 11.27
N GLY A 284 13.48 9.81 10.79
CA GLY A 284 12.30 9.98 9.95
C GLY A 284 12.48 10.24 8.47
N TYR A 285 11.48 10.91 7.90
CA TYR A 285 11.37 10.98 6.44
C TYR A 285 12.32 11.99 5.82
N GLY A 286 12.86 12.91 6.62
CA GLY A 286 13.77 13.90 6.10
C GLY A 286 14.98 13.31 5.40
N PRO A 287 15.72 12.47 6.13
CA PRO A 287 16.88 11.78 5.57
C PRO A 287 16.50 10.89 4.39
N LEU A 288 15.35 10.22 4.42
CA LEU A 288 14.91 9.38 3.31
C LEU A 288 14.68 10.20 2.07
N LYS A 289 14.00 11.34 2.19
CA LYS A 289 13.67 12.17 1.03
C LYS A 289 14.94 12.85 0.49
N ALA A 290 15.95 12.96 1.33
CA ALA A 290 17.24 13.52 0.93
C ALA A 290 18.16 12.51 0.24
N HIS A 291 17.75 11.26 0.14
CA HIS A 291 18.59 10.24 -0.49
C HIS A 291 18.96 10.66 -1.92
N PRO A 292 20.21 10.42 -2.35
CA PRO A 292 20.60 10.82 -3.71
C PRO A 292 19.69 10.31 -4.84
N PHE A 293 18.95 9.22 -4.62
CA PHE A 293 18.05 8.69 -5.66
C PHE A 293 16.93 9.70 -5.98
N PHE A 294 16.58 10.51 -4.99
CA PHE A 294 15.53 11.50 -5.15
C PHE A 294 16.02 12.91 -5.39
N GLU A 295 17.28 13.07 -5.81
CA GLU A 295 17.84 14.41 -5.97
C GLU A 295 16.95 15.35 -6.77
N SER A 296 16.44 14.86 -7.88
CA SER A 296 15.67 15.75 -8.76
C SER A 296 14.18 15.89 -8.39
N VAL A 297 13.75 15.20 -7.33
CA VAL A 297 12.34 15.22 -6.96
C VAL A 297 11.94 16.54 -6.30
N THR A 298 10.84 17.09 -6.76
CA THR A 298 10.19 18.20 -6.08
C THR A 298 9.05 17.63 -5.24
N TRP A 299 9.26 17.54 -3.93
CA TRP A 299 8.34 16.83 -3.04
C TRP A 299 7.02 17.54 -2.81
N GLU A 300 7.03 18.87 -2.87
N GLU A 300 7.06 18.87 -2.84
CA GLU A 300 5.80 19.65 -2.78
CA GLU A 300 5.99 19.72 -2.34
C GLU A 300 4.94 19.47 -4.05
C GLU A 300 4.65 19.52 -3.08
N ASN A 301 3.63 19.49 -3.85
N ASN A 301 4.65 19.66 -4.39
CA ASN A 301 2.67 19.28 -4.94
CA ASN A 301 3.43 19.52 -5.18
C ASN A 301 3.09 18.20 -5.96
C ASN A 301 3.49 18.29 -6.08
N LEU A 302 3.73 17.13 -5.48
CA LEU A 302 3.93 15.90 -6.25
C LEU A 302 2.62 15.45 -6.93
N HIS A 303 1.53 15.57 -6.19
CA HIS A 303 0.25 15.07 -6.67
C HIS A 303 -0.29 15.94 -7.80
N GLN A 304 0.34 17.08 -8.07
CA GLN A 304 -0.11 17.96 -9.16
C GLN A 304 0.83 17.92 -10.36
N GLN A 305 1.92 17.16 -10.25
CA GLN A 305 2.81 16.99 -11.40
C GLN A 305 2.21 15.97 -12.37
N THR A 306 2.53 16.11 -13.65
CA THR A 306 2.12 15.10 -14.64
C THR A 306 3.01 13.85 -14.52
N PRO A 307 2.43 12.67 -14.22
CA PRO A 307 3.30 11.49 -14.12
C PRO A 307 4.05 11.16 -15.43
N PRO A 308 5.27 10.62 -15.32
CA PRO A 308 5.91 10.20 -16.60
C PRO A 308 5.17 9.03 -17.23
N LYS A 309 5.12 8.95 -18.56
CA LYS A 309 4.43 7.84 -19.20
C LYS A 309 5.26 6.58 -18.99
N LEU A 310 4.61 5.46 -18.74
CA LEU A 310 5.35 4.23 -18.46
C LEU A 310 6.05 3.60 -19.67
N THR A 311 5.43 3.65 -20.84
CA THR A 311 6.07 3.30 -22.12
C THR A 311 7.34 2.43 -22.05
#